data_4UZB
#
_entry.id   4UZB
#
_cell.length_a   177.840
_cell.length_b   177.840
_cell.length_c   177.840
_cell.angle_alpha   90.00
_cell.angle_beta   90.00
_cell.angle_gamma   90.00
#
_symmetry.space_group_name_H-M   'I 21 3'
#
loop_
_entity.id
_entity.type
_entity.pdbx_description
1 polymer 'ORF 73'
2 polymer 'LANA BINDING SITE 1 DNA'
3 polymer 'LANA BINDING SITE 1 DNA'
4 water water
#
loop_
_entity_poly.entity_id
_entity_poly.type
_entity_poly.pdbx_seq_one_letter_code
_entity_poly.pdbx_strand_id
1 'polypeptide(L)'
;GSKKPHPRYQQPPVPYRQIDDCPAKARPQHIFYQQFLGKDGRRDPKCQWEFAVIFWGNDPYGLKKLSQAFQFGGVKAGPV
SCLPHPGPDQSPITYCVYVYCQNAATSKKVQMARLEWEASHPLAGNLQSSIVSFDDPLPLT
;
A,B
2 'polydeoxyribonucleotide' (DC)(DC)(DC)(DG)(DC)(DC)(DC)(DG)(DG)(DG)(DC)(DA)(DT)(DG)(DG)(DG)(DG)(DC)(DC)(DG) C
3 'polydeoxyribonucleotide' (DC)(DG)(DG)(DC)(DC)(DC)(DC)(DA)(DT)(DG)(DC)(DC)(DC)(DG)(DG)(DG)(DC)(DG)(DG)(DG) D
#
loop_
_chem_comp.id
_chem_comp.type
_chem_comp.name
_chem_comp.formula
DA DNA linking 2'-DEOXYADENOSINE-5'-MONOPHOSPHATE 'C10 H14 N5 O6 P'
DC DNA linking 2'-DEOXYCYTIDINE-5'-MONOPHOSPHATE 'C9 H14 N3 O7 P'
DG DNA linking 2'-DEOXYGUANOSINE-5'-MONOPHOSPHATE 'C10 H14 N5 O7 P'
DT DNA linking THYMIDINE-5'-MONOPHOSPHATE 'C10 H15 N2 O8 P'
#
# COMPACT_ATOMS: atom_id res chain seq x y z
N PRO A 5 -11.92 1.55 17.96
CA PRO A 5 -10.54 2.06 17.97
C PRO A 5 -10.15 2.65 16.62
N HIS A 6 -9.88 3.95 16.59
CA HIS A 6 -9.47 4.69 15.39
C HIS A 6 -10.45 4.63 14.22
N PRO A 7 -11.64 5.20 14.38
CA PRO A 7 -12.68 5.15 13.34
C PRO A 7 -12.34 5.94 12.07
N ARG A 8 -11.45 6.90 12.18
CA ARG A 8 -11.09 7.73 11.03
C ARG A 8 -9.85 7.21 10.32
N TYR A 9 -9.40 6.02 10.72
CA TYR A 9 -8.33 5.35 9.97
C TYR A 9 -8.81 3.99 9.48
N GLN A 10 -8.20 3.52 8.40
CA GLN A 10 -8.63 2.31 7.72
C GLN A 10 -8.57 1.06 8.60
N GLN A 11 -9.44 0.11 8.30
CA GLN A 11 -9.42 -1.14 9.03
C GLN A 11 -9.07 -2.29 8.09
N PRO A 12 -8.30 -3.25 8.60
CA PRO A 12 -7.98 -4.43 7.81
C PRO A 12 -9.22 -5.24 7.57
N PRO A 13 -9.44 -5.68 6.32
CA PRO A 13 -10.58 -6.53 6.00
C PRO A 13 -10.62 -7.75 6.93
N VAL A 14 -11.82 -8.20 7.27
CA VAL A 14 -12.00 -9.31 8.19
C VAL A 14 -11.86 -10.66 7.46
N PRO A 15 -11.21 -11.63 8.13
CA PRO A 15 -11.07 -13.02 7.64
C PRO A 15 -12.40 -13.78 7.61
N TYR A 16 -12.44 -14.89 6.85
CA TYR A 16 -13.64 -15.73 6.83
C TYR A 16 -13.31 -17.10 7.38
N ARG A 17 -14.19 -17.62 8.24
CA ARG A 17 -14.08 -19.00 8.68
C ARG A 17 -14.62 -19.92 7.60
N GLN A 18 -15.80 -19.60 7.10
CA GLN A 18 -16.41 -20.33 6.03
C GLN A 18 -16.75 -19.40 4.87
N ILE A 19 -17.27 -19.96 3.79
CA ILE A 19 -17.46 -19.18 2.58
C ILE A 19 -18.67 -18.26 2.69
N ASP A 20 -19.66 -18.66 3.48
CA ASP A 20 -20.84 -17.83 3.70
C ASP A 20 -20.50 -16.48 4.33
N ASP A 21 -19.31 -16.38 4.91
CA ASP A 21 -18.87 -15.16 5.59
C ASP A 21 -18.33 -14.15 4.61
N CYS A 22 -17.94 -14.64 3.44
CA CYS A 22 -17.49 -13.76 2.37
C CYS A 22 -18.67 -12.96 1.85
N PRO A 23 -18.53 -11.62 1.86
CA PRO A 23 -19.57 -10.74 1.31
C PRO A 23 -20.00 -11.16 -0.08
N ALA A 24 -21.30 -11.10 -0.31
CA ALA A 24 -21.93 -11.67 -1.51
C ALA A 24 -21.24 -11.28 -2.81
N LYS A 25 -20.98 -10.00 -3.00
CA LYS A 25 -20.46 -9.51 -4.27
C LYS A 25 -19.06 -10.03 -4.57
N ALA A 26 -18.28 -10.28 -3.53
CA ALA A 26 -16.92 -10.78 -3.71
C ALA A 26 -16.89 -12.29 -3.82
N ARG A 27 -17.96 -12.96 -3.42
CA ARG A 27 -17.97 -14.41 -3.34
C ARG A 27 -17.62 -15.17 -4.64
N PRO A 28 -18.11 -14.71 -5.81
CA PRO A 28 -17.71 -15.47 -7.01
C PRO A 28 -16.20 -15.48 -7.26
N GLN A 29 -15.57 -14.30 -7.17
CA GLN A 29 -14.12 -14.24 -7.30
C GLN A 29 -13.46 -15.06 -6.22
N HIS A 30 -14.01 -15.01 -5.02
CA HIS A 30 -13.41 -15.73 -3.90
C HIS A 30 -13.36 -17.23 -4.19
N ILE A 31 -14.50 -17.80 -4.57
CA ILE A 31 -14.58 -19.21 -4.96
C ILE A 31 -13.55 -19.57 -6.01
N PHE A 32 -13.56 -18.79 -7.09
CA PHE A 32 -12.64 -19.04 -8.19
C PHE A 32 -11.17 -19.00 -7.76
N TYR A 33 -10.80 -17.97 -7.01
CA TYR A 33 -9.43 -17.81 -6.52
C TYR A 33 -9.04 -18.98 -5.64
N GLN A 34 -9.95 -19.42 -4.79
CA GLN A 34 -9.67 -20.54 -3.93
C GLN A 34 -9.25 -21.74 -4.75
N GLN A 35 -10.07 -22.06 -5.75
CA GLN A 35 -9.77 -23.22 -6.57
C GLN A 35 -8.48 -23.03 -7.40
N PHE A 36 -8.20 -21.80 -7.85
CA PHE A 36 -7.03 -21.56 -8.68
C PHE A 36 -5.73 -21.61 -7.91
N LEU A 37 -5.75 -21.01 -6.73
CA LEU A 37 -4.60 -20.96 -5.85
C LEU A 37 -4.27 -22.35 -5.30
N GLY A 38 -5.32 -23.16 -5.11
CA GLY A 38 -5.11 -24.52 -4.63
C GLY A 38 -4.26 -24.56 -3.37
N LYS A 39 -3.32 -25.51 -3.33
CA LYS A 39 -2.46 -25.71 -2.17
C LYS A 39 -1.74 -24.41 -1.77
N ASP A 40 -1.42 -23.57 -2.75
CA ASP A 40 -0.69 -22.32 -2.51
C ASP A 40 -1.45 -21.29 -1.72
N GLY A 41 -2.74 -21.52 -1.50
CA GLY A 41 -3.54 -20.61 -0.72
C GLY A 41 -3.40 -20.88 0.76
N ARG A 42 -3.02 -22.10 1.10
CA ARG A 42 -2.86 -22.46 2.49
C ARG A 42 -1.60 -21.76 3.04
N ARG A 43 -1.60 -21.47 4.33
CA ARG A 43 -0.44 -20.88 4.97
C ARG A 43 0.68 -21.89 5.10
N ASP A 44 1.87 -21.51 4.66
CA ASP A 44 3.06 -22.30 4.94
C ASP A 44 3.86 -21.56 6.01
N PRO A 45 3.90 -22.13 7.22
CA PRO A 45 4.48 -21.46 8.39
C PRO A 45 5.98 -21.20 8.25
N LYS A 46 6.65 -21.85 7.30
CA LYS A 46 8.06 -21.59 7.07
C LYS A 46 8.28 -20.32 6.25
N CYS A 47 7.37 -20.02 5.34
CA CYS A 47 7.51 -18.84 4.50
C CYS A 47 7.35 -17.55 5.29
N GLN A 48 7.95 -16.48 4.78
CA GLN A 48 7.78 -15.16 5.36
C GLN A 48 7.10 -14.24 4.37
N TRP A 49 6.48 -13.17 4.85
CA TRP A 49 5.72 -12.36 3.92
C TRP A 49 6.64 -11.31 3.36
N GLU A 50 7.17 -11.65 2.19
CA GLU A 50 8.04 -10.80 1.42
C GLU A 50 7.49 -10.35 0.10
N PHE A 51 6.29 -10.78 -0.27
CA PHE A 51 5.83 -10.40 -1.60
C PHE A 51 4.44 -9.84 -1.59
N ALA A 52 4.11 -9.14 -2.66
CA ALA A 52 2.75 -8.68 -2.82
C ALA A 52 2.45 -8.57 -4.29
N VAL A 53 1.19 -8.46 -4.63
CA VAL A 53 0.80 -7.98 -5.93
C VAL A 53 0.01 -6.72 -5.71
N ILE A 54 0.38 -5.63 -6.38
CA ILE A 54 -0.46 -4.44 -6.29
C ILE A 54 -1.37 -4.38 -7.51
N PHE A 55 -2.66 -4.23 -7.27
CA PHE A 55 -3.65 -4.04 -8.35
C PHE A 55 -4.08 -2.59 -8.31
N TRP A 56 -4.17 -1.96 -9.47
CA TRP A 56 -4.70 -0.60 -9.45
C TRP A 56 -5.65 -0.31 -10.61
N GLY A 57 -6.48 0.69 -10.40
CA GLY A 57 -7.51 1.07 -11.36
C GLY A 57 -8.36 2.24 -10.85
N ASN A 58 -9.34 2.65 -11.64
CA ASN A 58 -10.17 3.78 -11.28
C ASN A 58 -11.50 3.45 -10.62
N ASP A 59 -11.81 2.16 -10.50
CA ASP A 59 -13.06 1.75 -9.89
C ASP A 59 -12.78 1.23 -8.49
N PRO A 60 -13.15 2.03 -7.48
CA PRO A 60 -12.85 1.58 -6.12
C PRO A 60 -13.74 0.40 -5.73
N TYR A 61 -14.92 0.30 -6.34
CA TYR A 61 -15.86 -0.78 -6.03
C TYR A 61 -15.36 -2.13 -6.52
N GLY A 62 -14.79 -2.13 -7.72
CA GLY A 62 -14.20 -3.33 -8.28
C GLY A 62 -13.06 -3.78 -7.41
N LEU A 63 -12.23 -2.83 -7.01
CA LEU A 63 -11.09 -3.12 -6.16
C LEU A 63 -11.54 -3.61 -4.80
N LYS A 64 -12.69 -3.14 -4.32
CA LYS A 64 -13.18 -3.61 -3.03
C LYS A 64 -13.53 -5.08 -3.15
N LYS A 65 -14.25 -5.42 -4.22
CA LYS A 65 -14.57 -6.82 -4.47
C LYS A 65 -13.29 -7.68 -4.48
N LEU A 66 -12.26 -7.24 -5.21
CA LEU A 66 -11.02 -8.00 -5.25
C LEU A 66 -10.41 -8.16 -3.86
N SER A 67 -10.35 -7.04 -3.12
CA SER A 67 -9.79 -7.06 -1.78
C SER A 67 -10.50 -8.05 -0.88
N GLN A 68 -11.83 -8.04 -0.92
CA GLN A 68 -12.59 -9.01 -0.13
C GLN A 68 -12.37 -10.44 -0.61
N ALA A 69 -12.21 -10.62 -1.93
CA ALA A 69 -12.07 -11.97 -2.47
C ALA A 69 -10.73 -12.61 -2.12
N PHE A 70 -9.64 -11.84 -2.01
CA PHE A 70 -8.39 -12.52 -1.74
C PHE A 70 -8.14 -12.47 -0.24
N GLN A 71 -8.68 -13.47 0.45
CA GLN A 71 -8.43 -13.66 1.86
C GLN A 71 -8.24 -15.16 2.11
N PHE A 72 -7.01 -15.56 2.42
CA PHE A 72 -6.64 -16.97 2.53
C PHE A 72 -5.50 -17.09 3.53
N GLY A 73 -5.03 -18.32 3.73
CA GLY A 73 -3.91 -18.56 4.64
C GLY A 73 -2.64 -17.86 4.20
N GLY A 74 -2.32 -18.01 2.91
CA GLY A 74 -1.09 -17.49 2.35
C GLY A 74 -1.25 -16.30 1.43
N VAL A 75 -2.50 -15.84 1.28
CA VAL A 75 -2.80 -14.68 0.45
C VAL A 75 -3.77 -13.78 1.20
N LYS A 76 -3.34 -12.55 1.47
CA LYS A 76 -4.17 -11.63 2.27
C LYS A 76 -4.17 -10.25 1.65
N ALA A 77 -5.33 -9.77 1.24
CA ALA A 77 -5.41 -8.42 0.69
C ALA A 77 -5.53 -7.40 1.80
N GLY A 78 -4.93 -6.23 1.58
CA GLY A 78 -5.16 -5.07 2.41
C GLY A 78 -6.41 -4.36 1.94
N PRO A 79 -6.74 -3.23 2.59
CA PRO A 79 -7.95 -2.48 2.19
C PRO A 79 -7.78 -1.75 0.86
N VAL A 80 -8.85 -1.11 0.42
CA VAL A 80 -8.77 -0.31 -0.79
C VAL A 80 -8.13 1.02 -0.43
N SER A 81 -7.03 1.32 -1.08
CA SER A 81 -6.30 2.55 -0.82
C SER A 81 -6.06 3.23 -2.17
N CYS A 82 -5.24 4.27 -2.19
CA CYS A 82 -4.93 4.89 -3.47
C CYS A 82 -3.50 5.36 -3.57
N LEU A 83 -3.07 5.63 -4.80
CA LEU A 83 -1.74 6.17 -5.07
C LEU A 83 -1.79 7.68 -4.97
N PRO A 84 -0.64 8.32 -4.78
CA PRO A 84 -0.69 9.78 -4.90
C PRO A 84 -1.01 10.16 -6.34
N HIS A 85 -1.71 11.27 -6.58
CA HIS A 85 -1.85 11.69 -7.97
C HIS A 85 -0.83 12.78 -8.19
N PRO A 86 0.01 12.61 -9.22
CA PRO A 86 1.21 13.40 -9.45
C PRO A 86 0.99 14.90 -9.55
N GLY A 87 0.01 15.29 -10.36
CA GLY A 87 -0.22 16.70 -10.61
C GLY A 87 -1.09 17.36 -9.57
N PRO A 88 -0.79 18.63 -9.26
CA PRO A 88 -1.69 19.46 -8.45
C PRO A 88 -2.92 19.89 -9.26
N ASP A 89 -3.66 18.91 -9.76
CA ASP A 89 -4.81 19.16 -10.63
C ASP A 89 -5.95 18.20 -10.31
N GLN A 90 -7.02 18.26 -11.10
CA GLN A 90 -8.10 17.30 -10.94
C GLN A 90 -7.92 16.23 -12.00
N SER A 91 -7.46 15.09 -11.53
CA SER A 91 -7.20 13.92 -12.36
C SER A 91 -7.87 12.78 -11.64
N PRO A 92 -8.36 11.79 -12.39
CA PRO A 92 -9.00 10.65 -11.73
C PRO A 92 -8.09 10.03 -10.69
N ILE A 93 -8.64 9.85 -9.50
CA ILE A 93 -7.97 9.08 -8.47
C ILE A 93 -7.67 7.67 -8.96
N THR A 94 -6.43 7.23 -8.78
CA THR A 94 -6.09 5.85 -9.00
C THR A 94 -6.08 5.10 -7.67
N TYR A 95 -7.04 4.22 -7.52
CA TYR A 95 -7.12 3.33 -6.36
C TYR A 95 -6.24 2.08 -6.52
N CYS A 96 -5.87 1.49 -5.40
CA CYS A 96 -5.04 0.29 -5.41
C CYS A 96 -5.32 -0.64 -4.25
N VAL A 97 -4.95 -1.90 -4.43
CA VAL A 97 -5.02 -2.91 -3.40
C VAL A 97 -3.74 -3.73 -3.40
N TYR A 98 -3.10 -3.81 -2.25
CA TYR A 98 -1.94 -4.69 -2.06
C TYR A 98 -2.42 -6.08 -1.61
N VAL A 99 -2.05 -7.09 -2.35
CA VAL A 99 -2.38 -8.46 -1.97
C VAL A 99 -1.09 -9.17 -1.54
N TYR A 100 -0.97 -9.38 -0.24
CA TYR A 100 0.27 -9.88 0.35
C TYR A 100 0.38 -11.40 0.25
N CYS A 101 1.58 -11.86 -0.10
CA CYS A 101 1.87 -13.26 -0.38
C CYS A 101 3.14 -13.75 0.30
N GLN A 102 3.09 -15.03 0.64
CA GLN A 102 4.15 -15.66 1.42
C GLN A 102 5.36 -16.09 0.59
N ASN A 103 5.21 -16.13 -0.72
CA ASN A 103 6.36 -16.35 -1.59
C ASN A 103 6.08 -15.87 -3.00
N ALA A 104 7.09 -15.97 -3.86
CA ALA A 104 7.04 -15.39 -5.19
C ALA A 104 6.14 -16.15 -6.16
N ALA A 105 6.19 -17.48 -6.06
CA ALA A 105 5.35 -18.33 -6.88
C ALA A 105 3.89 -17.93 -6.69
N THR A 106 3.50 -17.81 -5.43
CA THR A 106 2.12 -17.51 -5.10
C THR A 106 1.72 -16.14 -5.64
N SER A 107 2.63 -15.18 -5.59
CA SER A 107 2.28 -13.85 -6.07
C SER A 107 2.06 -13.90 -7.60
N LYS A 108 2.91 -14.64 -8.31
CA LYS A 108 2.68 -14.87 -9.74
C LYS A 108 1.29 -15.51 -10.00
N LYS A 109 0.94 -16.50 -9.18
CA LYS A 109 -0.37 -17.12 -9.28
C LYS A 109 -1.53 -16.14 -9.03
N VAL A 110 -1.36 -15.22 -8.08
CA VAL A 110 -2.39 -14.24 -7.76
C VAL A 110 -2.64 -13.31 -8.96
N GLN A 111 -1.54 -12.80 -9.49
CA GLN A 111 -1.61 -11.99 -10.71
C GLN A 111 -2.38 -12.71 -11.84
N MET A 112 -1.99 -13.96 -12.05
CA MET A 112 -2.58 -14.80 -13.09
C MET A 112 -4.06 -15.08 -12.86
N ALA A 113 -4.40 -15.33 -11.60
CA ALA A 113 -5.77 -15.64 -11.21
C ALA A 113 -6.70 -14.49 -11.59
N ARG A 114 -6.25 -13.27 -11.33
CA ARG A 114 -7.13 -12.15 -11.70
C ARG A 114 -7.21 -12.06 -13.24
N LEU A 115 -6.09 -12.28 -13.93
CA LEU A 115 -6.16 -12.29 -15.39
C LEU A 115 -7.19 -13.29 -15.94
N GLU A 116 -7.26 -14.45 -15.28
CA GLU A 116 -8.17 -15.51 -15.70
C GLU A 116 -9.61 -15.10 -15.46
N TRP A 117 -9.85 -14.53 -14.29
CA TRP A 117 -11.19 -14.07 -13.98
C TRP A 117 -11.65 -13.06 -15.02
N GLU A 118 -10.77 -12.13 -15.36
CA GLU A 118 -11.12 -11.10 -16.34
C GLU A 118 -11.38 -11.73 -17.71
N ALA A 119 -10.64 -12.78 -18.03
CA ALA A 119 -10.82 -13.46 -19.31
C ALA A 119 -12.16 -14.19 -19.39
N SER A 120 -12.65 -14.66 -18.24
CA SER A 120 -13.92 -15.40 -18.20
C SER A 120 -15.11 -14.45 -18.13
N HIS A 121 -14.84 -13.20 -17.78
CA HIS A 121 -15.90 -12.25 -17.50
C HIS A 121 -15.58 -10.94 -18.15
N PRO A 122 -15.85 -10.85 -19.45
CA PRO A 122 -15.53 -9.67 -20.24
C PRO A 122 -16.16 -8.39 -19.71
N LEU A 123 -17.22 -8.49 -18.91
CA LEU A 123 -17.86 -7.29 -18.37
C LEU A 123 -17.04 -6.67 -17.24
N ALA A 124 -16.12 -7.47 -16.69
CA ALA A 124 -15.23 -7.03 -15.61
C ALA A 124 -14.25 -6.00 -16.11
N GLY A 125 -13.83 -5.13 -15.21
CA GLY A 125 -12.87 -4.09 -15.56
C GLY A 125 -11.47 -4.64 -15.54
N ASN A 126 -10.60 -4.12 -16.40
CA ASN A 126 -9.23 -4.62 -16.46
C ASN A 126 -8.33 -3.87 -15.48
N LEU A 127 -7.87 -4.61 -14.49
CA LEU A 127 -7.00 -4.08 -13.46
C LEU A 127 -5.54 -4.17 -13.86
N GLN A 128 -4.81 -3.08 -13.75
CA GLN A 128 -3.36 -3.14 -13.88
C GLN A 128 -2.73 -3.80 -12.65
N SER A 129 -1.60 -4.47 -12.81
CA SER A 129 -0.94 -5.06 -11.64
C SER A 129 0.57 -5.13 -11.75
N SER A 130 1.21 -5.24 -10.59
CA SER A 130 2.65 -5.49 -10.53
C SER A 130 3.03 -6.36 -9.36
N ILE A 131 4.07 -7.17 -9.55
CA ILE A 131 4.66 -7.94 -8.47
C ILE A 131 5.52 -7.01 -7.61
N VAL A 132 5.47 -7.25 -6.31
CA VAL A 132 6.07 -6.37 -5.32
C VAL A 132 7.00 -7.16 -4.40
N SER A 133 8.23 -6.66 -4.24
CA SER A 133 9.20 -7.30 -3.36
C SER A 133 9.55 -6.45 -2.15
N PHE A 134 9.65 -7.10 -0.99
CA PHE A 134 10.09 -6.42 0.22
C PHE A 134 11.49 -6.87 0.63
N ASP A 135 12.34 -5.92 1.00
CA ASP A 135 13.67 -6.20 1.56
C ASP A 135 13.60 -6.91 2.90
N ASP A 136 12.72 -6.45 3.76
CA ASP A 136 12.48 -7.07 5.03
C ASP A 136 11.08 -7.68 5.07
N PRO A 137 10.91 -8.77 5.82
CA PRO A 137 9.59 -9.41 5.94
C PRO A 137 8.57 -8.54 6.68
N LEU A 138 7.29 -8.64 6.30
CA LEU A 138 6.25 -7.90 6.99
C LEU A 138 5.67 -8.67 8.17
N PRO A 139 5.21 -7.94 9.21
CA PRO A 139 4.66 -8.54 10.43
C PRO A 139 3.26 -9.15 10.29
N LEU A 140 3.10 -10.05 9.33
CA LEU A 140 1.87 -10.80 9.15
C LEU A 140 1.92 -12.18 9.83
N THR A 141 2.97 -12.40 10.62
CA THR A 141 3.20 -13.64 11.37
C THR A 141 2.79 -14.90 10.61
N PRO B 5 -19.45 16.48 -1.21
CA PRO B 5 -20.05 15.17 -1.48
C PRO B 5 -19.88 14.19 -0.32
N HIS B 6 -20.08 12.91 -0.61
CA HIS B 6 -20.02 11.86 0.41
C HIS B 6 -18.84 10.92 0.16
N PRO B 7 -17.77 11.04 0.95
CA PRO B 7 -16.63 10.15 0.69
C PRO B 7 -16.92 8.70 1.08
N ARG B 8 -16.79 7.76 0.15
CA ARG B 8 -16.88 6.35 0.52
C ARG B 8 -15.54 5.64 0.49
N TYR B 9 -14.53 6.33 -0.03
CA TYR B 9 -13.24 5.71 -0.30
C TYR B 9 -12.13 6.73 -0.14
N GLN B 10 -10.97 6.23 0.25
CA GLN B 10 -9.85 7.06 0.63
C GLN B 10 -9.42 8.02 -0.46
N GLN B 11 -8.94 9.18 -0.07
CA GLN B 11 -8.48 10.14 -1.08
C GLN B 11 -6.98 10.38 -0.98
N PRO B 12 -6.34 10.59 -2.13
CA PRO B 12 -4.91 10.83 -2.15
C PRO B 12 -4.57 12.14 -1.48
N PRO B 13 -3.42 12.21 -0.79
CA PRO B 13 -3.04 13.49 -0.20
C PRO B 13 -2.81 14.48 -1.32
N VAL B 14 -3.27 15.71 -1.13
CA VAL B 14 -3.15 16.73 -2.15
C VAL B 14 -1.74 17.33 -2.11
N PRO B 15 -1.11 17.45 -3.28
CA PRO B 15 0.27 17.97 -3.42
C PRO B 15 0.40 19.45 -3.07
N TYR B 16 1.60 19.87 -2.71
CA TYR B 16 1.80 21.22 -2.23
C TYR B 16 2.37 22.14 -3.29
N ARG B 17 1.90 23.38 -3.27
CA ARG B 17 2.47 24.44 -4.09
C ARG B 17 3.22 25.37 -3.16
N GLN B 18 2.51 25.92 -2.19
CA GLN B 18 3.09 26.71 -1.11
C GLN B 18 3.25 25.87 0.17
N ILE B 19 4.25 26.19 0.99
CA ILE B 19 4.43 25.52 2.27
C ILE B 19 3.20 25.65 3.18
N ASP B 20 2.40 26.68 2.96
CA ASP B 20 1.13 26.85 3.67
C ASP B 20 0.20 25.66 3.42
N ASP B 21 0.33 25.04 2.26
CA ASP B 21 -0.54 23.92 1.92
C ASP B 21 -0.29 22.75 2.85
N CYS B 22 0.89 22.72 3.44
CA CYS B 22 1.23 21.67 4.40
C CYS B 22 0.72 22.07 5.77
N PRO B 23 -0.02 21.16 6.42
CA PRO B 23 -0.60 21.45 7.73
C PRO B 23 0.49 21.77 8.75
N ALA B 24 0.27 22.83 9.51
CA ALA B 24 1.28 23.41 10.36
C ALA B 24 2.05 22.40 11.24
N LYS B 25 1.34 21.49 11.90
CA LYS B 25 1.99 20.55 12.84
C LYS B 25 2.97 19.60 12.13
N ALA B 26 2.82 19.46 10.81
CA ALA B 26 3.69 18.60 10.02
C ALA B 26 4.79 19.39 9.32
N ARG B 27 4.78 20.70 9.47
CA ARG B 27 5.72 21.53 8.72
C ARG B 27 7.17 21.27 9.11
N PRO B 28 7.48 21.19 10.42
CA PRO B 28 8.91 20.95 10.71
C PRO B 28 9.42 19.64 10.09
N GLN B 29 8.69 18.54 10.25
CA GLN B 29 9.13 17.28 9.65
C GLN B 29 9.34 17.46 8.15
N HIS B 30 8.33 18.01 7.48
CA HIS B 30 8.40 18.33 6.06
C HIS B 30 9.68 19.09 5.70
N ILE B 31 9.95 20.17 6.45
CA ILE B 31 11.10 21.01 6.14
C ILE B 31 12.37 20.20 6.30
N PHE B 32 12.43 19.44 7.40
CA PHE B 32 13.57 18.58 7.68
C PHE B 32 13.84 17.72 6.44
N TYR B 33 12.79 17.07 5.93
CA TYR B 33 13.00 16.08 4.87
C TYR B 33 13.51 16.80 3.62
N GLN B 34 12.99 18.00 3.39
CA GLN B 34 13.42 18.76 2.24
C GLN B 34 14.92 18.94 2.33
N GLN B 35 15.37 19.49 3.46
CA GLN B 35 16.77 19.78 3.62
C GLN B 35 17.55 18.47 3.57
N PHE B 36 16.96 17.40 4.09
CA PHE B 36 17.67 16.13 4.10
C PHE B 36 17.82 15.62 2.67
N LEU B 37 16.75 15.67 1.88
CA LEU B 37 16.77 15.00 0.58
C LEU B 37 17.53 15.81 -0.46
N GLY B 38 17.49 17.13 -0.30
CA GLY B 38 18.10 18.03 -1.26
C GLY B 38 17.65 17.73 -2.67
N LYS B 39 18.61 17.69 -3.59
CA LYS B 39 18.33 17.49 -5.01
C LYS B 39 17.65 16.16 -5.25
N ASP B 40 17.82 15.20 -4.34
CA ASP B 40 17.23 13.89 -4.55
C ASP B 40 15.71 13.93 -4.41
N GLY B 41 15.19 15.03 -3.85
CA GLY B 41 13.77 15.19 -3.66
C GLY B 41 13.03 15.75 -4.87
N ARG B 42 13.78 16.31 -5.80
CA ARG B 42 13.17 16.82 -7.02
C ARG B 42 12.83 15.68 -7.98
N ARG B 43 11.79 15.90 -8.77
CA ARG B 43 11.39 14.95 -9.79
C ARG B 43 12.45 14.84 -10.89
N ASP B 44 12.81 13.61 -11.25
CA ASP B 44 13.73 13.37 -12.35
C ASP B 44 12.98 12.67 -13.47
N PRO B 45 12.76 13.39 -14.58
CA PRO B 45 11.92 12.91 -15.70
C PRO B 45 12.34 11.55 -16.25
N LYS B 46 13.64 11.25 -16.26
CA LYS B 46 14.13 10.01 -16.86
C LYS B 46 13.79 8.78 -16.02
N CYS B 47 13.62 8.96 -14.72
CA CYS B 47 13.29 7.85 -13.82
C CYS B 47 11.81 7.51 -13.85
N GLN B 48 11.50 6.24 -13.61
CA GLN B 48 10.11 5.84 -13.49
C GLN B 48 9.88 5.32 -12.09
N TRP B 49 8.63 5.23 -11.65
CA TRP B 49 8.39 4.97 -10.24
C TRP B 49 8.34 3.48 -9.98
N GLU B 50 9.50 2.96 -9.58
CA GLU B 50 9.66 1.54 -9.29
C GLU B 50 9.92 1.21 -7.84
N PHE B 51 10.00 2.21 -6.97
CA PHE B 51 10.39 1.88 -5.59
C PHE B 51 9.54 2.53 -4.55
N ALA B 52 9.63 2.03 -3.34
CA ALA B 52 8.92 2.67 -2.25
C ALA B 52 9.65 2.35 -0.98
N VAL B 53 9.30 3.07 0.08
CA VAL B 53 9.60 2.65 1.43
C VAL B 53 8.27 2.41 2.10
N ILE B 54 8.05 1.26 2.71
CA ILE B 54 6.87 1.12 3.53
C ILE B 54 7.27 1.38 4.98
N PHE B 55 6.53 2.26 5.64
CA PHE B 55 6.72 2.51 7.06
C PHE B 55 5.54 1.92 7.79
N TRP B 56 5.76 1.28 8.94
CA TRP B 56 4.61 0.76 9.65
C TRP B 56 4.80 0.84 11.15
N GLY B 57 3.66 0.83 11.84
CA GLY B 57 3.64 0.89 13.29
C GLY B 57 2.22 0.89 13.84
N ASN B 58 2.10 1.03 15.16
CA ASN B 58 0.80 0.92 15.80
C ASN B 58 0.11 2.26 16.01
N ASP B 59 0.77 3.35 15.65
CA ASP B 59 0.23 4.69 15.86
C ASP B 59 -0.11 5.37 14.53
N PRO B 60 -1.41 5.50 14.25
CA PRO B 60 -1.84 6.07 12.97
C PRO B 60 -1.58 7.58 12.87
N TYR B 61 -1.48 8.24 14.02
CA TYR B 61 -1.37 9.71 14.06
C TYR B 61 0.01 10.17 13.55
N GLY B 62 1.04 9.50 14.08
CA GLY B 62 2.40 9.74 13.66
C GLY B 62 2.56 9.41 12.19
N LEU B 63 1.95 8.31 11.78
CA LEU B 63 2.04 7.92 10.38
C LEU B 63 1.40 8.97 9.50
N LYS B 64 0.28 9.55 9.93
CA LYS B 64 -0.33 10.61 9.15
C LYS B 64 0.61 11.80 9.01
N LYS B 65 1.22 12.23 10.12
CA LYS B 65 2.19 13.30 10.00
C LYS B 65 3.32 12.95 9.02
N LEU B 66 3.84 11.72 9.06
CA LEU B 66 4.86 11.27 8.10
C LEU B 66 4.36 11.35 6.64
N SER B 67 3.14 10.92 6.41
CA SER B 67 2.54 10.97 5.10
C SER B 67 2.44 12.41 4.62
N GLN B 68 2.03 13.31 5.51
CA GLN B 68 1.92 14.72 5.17
C GLN B 68 3.29 15.32 4.93
N ALA B 69 4.31 14.78 5.60
CA ALA B 69 5.66 15.34 5.53
C ALA B 69 6.39 14.94 4.24
N PHE B 70 6.26 13.69 3.78
CA PHE B 70 6.98 13.37 2.54
C PHE B 70 6.08 13.69 1.37
N GLN B 71 6.23 14.90 0.84
CA GLN B 71 5.59 15.30 -0.38
C GLN B 71 6.55 16.13 -1.22
N PHE B 72 7.04 15.57 -2.33
CA PHE B 72 8.06 16.22 -3.13
C PHE B 72 7.93 15.72 -4.56
N GLY B 73 8.80 16.22 -5.44
CA GLY B 73 8.73 15.88 -6.84
C GLY B 73 9.06 14.43 -7.08
N GLY B 74 10.10 13.95 -6.40
CA GLY B 74 10.57 12.58 -6.57
C GLY B 74 10.26 11.62 -5.42
N VAL B 75 9.60 12.15 -4.38
CA VAL B 75 9.24 11.36 -3.22
C VAL B 75 7.79 11.70 -2.84
N LYS B 76 6.88 10.74 -2.94
CA LYS B 76 5.46 11.02 -2.68
C LYS B 76 4.82 9.97 -1.78
N ALA B 77 4.36 10.37 -0.60
CA ALA B 77 3.68 9.42 0.28
C ALA B 77 2.23 9.22 -0.15
N GLY B 78 1.75 7.99 -0.02
CA GLY B 78 0.34 7.73 -0.12
C GLY B 78 -0.30 7.98 1.23
N PRO B 79 -1.60 7.71 1.36
CA PRO B 79 -2.29 7.94 2.63
C PRO B 79 -1.95 6.89 3.69
N VAL B 80 -2.48 7.06 4.90
CA VAL B 80 -2.32 6.07 5.95
C VAL B 80 -3.26 4.89 5.67
N SER B 81 -2.67 3.71 5.58
CA SER B 81 -3.40 2.49 5.31
C SER B 81 -3.05 1.49 6.40
N CYS B 82 -3.45 0.24 6.24
CA CYS B 82 -3.01 -0.77 7.20
C CYS B 82 -2.74 -2.10 6.54
N LEU B 83 -2.05 -2.98 7.28
CA LEU B 83 -1.76 -4.33 6.83
C LEU B 83 -2.93 -5.23 7.20
N PRO B 84 -3.03 -6.41 6.56
CA PRO B 84 -4.03 -7.39 7.02
C PRO B 84 -3.67 -7.85 8.42
N HIS B 85 -4.64 -8.11 9.29
CA HIS B 85 -4.24 -8.64 10.58
C HIS B 85 -4.23 -10.14 10.44
N PRO B 86 -3.08 -10.75 10.75
CA PRO B 86 -2.69 -12.12 10.41
C PRO B 86 -3.61 -13.17 10.97
N GLY B 87 -3.96 -13.04 12.23
CA GLY B 87 -4.80 -14.02 12.87
C GLY B 87 -6.20 -13.94 12.31
N PRO B 88 -6.92 -15.09 12.34
CA PRO B 88 -8.37 -15.10 12.19
C PRO B 88 -8.98 -14.22 13.29
N ASP B 89 -8.20 -14.11 14.37
CA ASP B 89 -8.32 -13.13 15.44
C ASP B 89 -8.23 -11.67 14.91
N GLN B 90 -9.03 -10.77 15.49
CA GLN B 90 -8.81 -9.33 15.29
C GLN B 90 -7.81 -8.84 16.32
N SER B 91 -6.70 -8.31 15.84
CA SER B 91 -5.54 -8.06 16.69
C SER B 91 -5.28 -6.56 16.77
N PRO B 92 -4.24 -6.14 17.50
CA PRO B 92 -3.83 -4.74 17.32
C PRO B 92 -3.57 -4.44 15.84
N ILE B 93 -4.15 -3.36 15.35
CA ILE B 93 -4.02 -2.99 13.95
C ILE B 93 -2.64 -2.42 13.67
N THR B 94 -2.01 -2.90 12.61
CA THR B 94 -0.73 -2.36 12.21
C THR B 94 -0.94 -1.43 11.02
N TYR B 95 -0.81 -0.14 11.25
CA TYR B 95 -0.93 0.86 10.19
C TYR B 95 0.36 1.00 9.38
N CYS B 96 0.23 1.51 8.16
CA CYS B 96 1.39 1.69 7.28
C CYS B 96 1.23 2.83 6.28
N VAL B 97 2.36 3.30 5.76
CA VAL B 97 2.40 4.31 4.73
C VAL B 97 3.45 3.94 3.70
N TYR B 98 3.03 3.82 2.45
CA TYR B 98 3.95 3.71 1.33
C TYR B 98 4.43 5.09 0.87
N VAL B 99 5.75 5.27 0.87
CA VAL B 99 6.37 6.45 0.34
C VAL B 99 7.05 6.09 -0.99
N TYR B 100 6.49 6.55 -2.09
CA TYR B 100 6.96 6.14 -3.41
C TYR B 100 8.16 6.97 -3.88
N CYS B 101 9.13 6.27 -4.46
CA CYS B 101 10.37 6.87 -4.95
C CYS B 101 10.71 6.42 -6.38
N GLN B 102 11.45 7.30 -7.05
CA GLN B 102 11.78 7.11 -8.45
C GLN B 102 13.09 6.34 -8.67
N ASN B 103 13.83 6.09 -7.60
CA ASN B 103 14.98 5.18 -7.67
C ASN B 103 15.35 4.60 -6.32
N ALA B 104 16.19 3.57 -6.35
CA ALA B 104 16.63 2.86 -5.14
C ALA B 104 17.40 3.72 -4.14
N ALA B 105 18.36 4.49 -4.65
CA ALA B 105 19.16 5.36 -3.80
C ALA B 105 18.26 6.26 -2.96
N THR B 106 17.34 6.93 -3.63
CA THR B 106 16.43 7.82 -2.94
C THR B 106 15.61 7.08 -1.88
N SER B 107 15.19 5.85 -2.16
CA SER B 107 14.36 5.15 -1.19
C SER B 107 15.17 4.85 0.09
N LYS B 108 16.40 4.37 -0.09
CA LYS B 108 17.30 4.18 1.06
C LYS B 108 17.52 5.49 1.85
N LYS B 109 17.70 6.57 1.11
CA LYS B 109 17.85 7.89 1.69
C LYS B 109 16.61 8.26 2.51
N VAL B 110 15.43 7.86 2.05
CA VAL B 110 14.17 8.22 2.69
C VAL B 110 14.07 7.52 4.04
N GLN B 111 14.40 6.23 4.00
CA GLN B 111 14.50 5.42 5.20
C GLN B 111 15.36 6.12 6.26
N MET B 112 16.57 6.48 5.82
CA MET B 112 17.54 7.08 6.72
C MET B 112 17.06 8.45 7.23
N ALA B 113 16.37 9.20 6.39
CA ALA B 113 15.84 10.51 6.77
C ALA B 113 14.91 10.36 7.96
N ARG B 114 13.95 9.45 7.84
CA ARG B 114 13.05 9.25 8.98
C ARG B 114 13.81 8.79 10.24
N LEU B 115 14.80 7.93 10.07
CA LEU B 115 15.63 7.57 11.23
C LEU B 115 16.26 8.77 11.94
N GLU B 116 16.77 9.70 11.15
CA GLU B 116 17.47 10.86 11.71
C GLU B 116 16.48 11.80 12.38
N TRP B 117 15.30 11.91 11.79
CA TRP B 117 14.20 12.63 12.42
C TRP B 117 13.89 12.03 13.79
N GLU B 118 13.75 10.72 13.85
CA GLU B 118 13.49 10.07 15.13
C GLU B 118 14.62 10.32 16.11
N ALA B 119 15.85 10.35 15.61
CA ALA B 119 16.99 10.57 16.51
C ALA B 119 16.90 11.95 17.16
N SER B 120 16.45 12.94 16.39
CA SER B 120 16.36 14.32 16.88
C SER B 120 15.08 14.60 17.67
N HIS B 121 14.13 13.67 17.64
CA HIS B 121 12.81 13.89 18.21
C HIS B 121 12.36 12.64 18.92
N PRO B 122 12.86 12.44 20.15
CA PRO B 122 12.63 11.23 20.94
C PRO B 122 11.16 10.95 21.14
N LEU B 123 10.36 11.99 21.28
CA LEU B 123 8.92 11.83 21.46
C LEU B 123 8.19 11.36 20.19
N ALA B 124 8.79 11.54 19.03
CA ALA B 124 8.25 10.90 17.84
C ALA B 124 8.42 9.40 18.02
N GLY B 125 7.56 8.62 17.39
CA GLY B 125 7.58 7.20 17.62
C GLY B 125 8.57 6.51 16.71
N ASN B 126 9.03 5.33 17.12
CA ASN B 126 9.94 4.58 16.28
C ASN B 126 9.18 3.70 15.30
N LEU B 127 9.34 3.99 14.02
CA LEU B 127 8.64 3.24 12.97
C LEU B 127 9.52 2.17 12.36
N GLN B 128 8.92 1.03 12.03
CA GLN B 128 9.59 0.02 11.23
C GLN B 128 9.53 0.39 9.76
N SER B 129 10.49 -0.05 8.97
CA SER B 129 10.43 0.27 7.53
C SER B 129 11.07 -0.79 6.67
N SER B 130 10.72 -0.80 5.40
CA SER B 130 11.34 -1.72 4.46
C SER B 130 11.36 -1.13 3.05
N ILE B 131 12.41 -1.42 2.30
CA ILE B 131 12.49 -1.03 0.91
C ILE B 131 11.57 -1.92 0.09
N VAL B 132 10.91 -1.30 -0.89
CA VAL B 132 9.93 -1.97 -1.74
C VAL B 132 10.36 -1.82 -3.21
N SER B 133 10.33 -2.93 -3.95
CA SER B 133 10.59 -2.92 -5.40
C SER B 133 9.37 -3.38 -6.15
N PHE B 134 9.09 -2.72 -7.28
CA PHE B 134 7.99 -3.09 -8.16
C PHE B 134 8.54 -3.57 -9.48
N ASP B 135 8.04 -4.71 -9.96
CA ASP B 135 8.42 -5.23 -11.27
C ASP B 135 8.05 -4.28 -12.41
N ASP B 136 6.92 -3.63 -12.27
CA ASP B 136 6.48 -2.68 -13.27
C ASP B 136 6.27 -1.31 -12.67
N PRO B 137 6.55 -0.25 -13.45
CA PRO B 137 6.47 1.12 -12.94
C PRO B 137 5.04 1.51 -12.61
N LEU B 138 4.87 2.37 -11.61
CA LEU B 138 3.56 2.81 -11.20
C LEU B 138 3.17 4.07 -11.99
N PRO B 139 1.86 4.26 -12.20
CA PRO B 139 1.35 5.40 -12.97
C PRO B 139 1.41 6.73 -12.22
N LEU B 140 2.57 7.08 -11.68
CA LEU B 140 2.71 8.33 -10.96
C LEU B 140 3.26 9.43 -11.85
N THR B 141 3.62 9.09 -13.09
CA THR B 141 4.17 10.03 -14.08
C THR B 141 5.10 11.11 -13.50
#